data_3H2Y
#
_entry.id   3H2Y
#
_cell.length_a   83.130
_cell.length_b   58.990
_cell.length_c   77.720
_cell.angle_alpha   90.00
_cell.angle_beta   99.38
_cell.angle_gamma   90.00
#
_symmetry.space_group_name_H-M   'C 1 2 1'
#
loop_
_entity.id
_entity.type
_entity.pdbx_description
1 polymer 'GTPase family protein'
2 non-polymer "2'-DEOXYGUANOSINE-5'-DIPHOSPHATE"
3 water water
#
_entity_poly.entity_id   1
_entity_poly.type   'polypeptide(L)'
_entity_poly.pdbx_seq_one_letter_code
;(MSE)TETIKCIGCGVEIQTEDKNEVGYAPASSLEKEQVICQRCFRLKHYNEIQDVSLTDDDFLRILNGIGKSDALVVKI
VDIFDFNGSWLPGLHRFVGNNKVLLVGNKADLIPKSVKHDKVKHW(MSE)RYSAKQLGLKPEDVFLISAAKGQGIAELAD
AIEYYRGGKDVYVVGCTNVGKSTFINR(MSE)IKEFSDETENVITTSHFPGTTLDLIDIPLDEESSLYDTPGIINHHQ
(MSE)AHYVGKQSLKLITPTKEIKP(MSE)VFQLNEEQTLFFSGLARFDYVSGGRRAFTCHFSNRLTIHRTKLEKADELY
KNHAGDLLSPPTPEELEN(MSE)PELVKYEFNIREPKTDVVFSGLGWVTVNEPGAKIVAHVPKGVSVSLRKSLI
;
_entity_poly.pdbx_strand_id   A
#
loop_
_chem_comp.id
_chem_comp.type
_chem_comp.name
_chem_comp.formula
DGI DNA linking 2'-DEOXYGUANOSINE-5'-DIPHOSPHATE 'C10 H15 N5 O10 P2'
#
# COMPACT_ATOMS: atom_id res chain seq x y z
N ASP A 56 -5.01 2.54 -22.02
CA ASP A 56 -5.41 3.97 -21.96
C ASP A 56 -4.33 4.87 -22.57
N ASP A 57 -4.70 5.52 -23.68
CA ASP A 57 -3.82 6.36 -24.49
C ASP A 57 -3.21 7.54 -23.72
N ASP A 58 -3.97 8.09 -22.77
CA ASP A 58 -3.53 9.23 -21.98
C ASP A 58 -2.32 8.92 -21.09
N PHE A 59 -2.41 7.86 -20.30
N PHE A 59 -2.42 7.87 -20.29
CA PHE A 59 -1.35 7.49 -19.36
CA PHE A 59 -1.35 7.50 -19.35
C PHE A 59 -0.07 7.03 -20.06
C PHE A 59 -0.07 7.03 -20.06
N LEU A 60 -0.22 6.40 -21.22
CA LEU A 60 0.92 5.94 -22.01
C LEU A 60 1.77 7.12 -22.52
N ARG A 61 1.10 8.17 -22.98
CA ARG A 61 1.78 9.35 -23.52
C ARG A 61 2.65 10.04 -22.48
N ILE A 62 2.15 10.17 -21.25
CA ILE A 62 2.92 10.81 -20.20
C ILE A 62 4.10 9.95 -19.73
N LEU A 63 3.89 8.63 -19.66
CA LEU A 63 4.96 7.69 -19.30
C LEU A 63 6.13 7.79 -20.28
N ASN A 64 5.81 7.85 -21.58
CA ASN A 64 6.84 8.02 -22.60
C ASN A 64 7.53 9.38 -22.53
N GLY A 65 6.77 10.42 -22.20
CA GLY A 65 7.31 11.76 -22.04
C GLY A 65 8.30 11.85 -20.88
N ILE A 66 7.91 11.25 -19.75
CA ILE A 66 8.76 11.21 -18.55
C ILE A 66 10.03 10.38 -18.83
N GLY A 67 9.86 9.29 -19.58
CA GLY A 67 10.98 8.43 -19.94
C GLY A 67 11.98 9.09 -20.86
N LYS A 68 11.50 9.96 -21.74
CA LYS A 68 12.32 10.68 -22.70
C LYS A 68 13.13 11.80 -22.04
N SER A 69 12.63 12.27 -20.89
CA SER A 69 13.30 13.33 -20.13
C SER A 69 14.35 12.74 -19.21
N ASP A 70 15.22 13.60 -18.69
CA ASP A 70 16.22 13.21 -17.71
C ASP A 70 15.73 13.48 -16.29
N ALA A 71 14.42 13.57 -16.14
CA ALA A 71 13.81 13.90 -14.85
C ALA A 71 13.93 12.80 -13.81
N LEU A 72 13.94 13.19 -12.54
CA LEU A 72 13.84 12.25 -11.43
C LEU A 72 12.38 11.83 -11.30
N VAL A 73 12.14 10.55 -11.04
CA VAL A 73 10.79 10.05 -10.80
C VAL A 73 10.62 9.67 -9.32
N VAL A 74 9.62 10.25 -8.65
CA VAL A 74 9.30 9.91 -7.26
C VAL A 74 8.01 9.09 -7.29
N LYS A 75 8.08 7.83 -6.88
CA LYS A 75 6.92 6.96 -6.89
C LYS A 75 6.44 6.73 -5.47
N ILE A 76 5.20 7.15 -5.17
CA ILE A 76 4.64 6.99 -3.82
C ILE A 76 3.75 5.77 -3.77
N VAL A 77 3.96 4.92 -2.76
CA VAL A 77 3.14 3.75 -2.53
C VAL A 77 2.63 3.77 -1.09
N ASP A 78 1.55 3.05 -0.83
CA ASP A 78 0.99 2.94 0.52
C ASP A 78 1.64 1.69 1.12
N ILE A 79 2.31 1.81 2.26
CA ILE A 79 3.01 0.65 2.86
C ILE A 79 2.07 -0.48 3.32
N PHE A 80 0.81 -0.14 3.56
CA PHE A 80 -0.18 -1.12 3.99
C PHE A 80 -0.98 -1.68 2.83
N ASP A 81 -0.65 -1.20 1.64
CA ASP A 81 -1.30 -1.64 0.42
C ASP A 81 -0.24 -1.59 -0.68
N PHE A 82 0.90 -2.26 -0.43
CA PHE A 82 2.05 -2.19 -1.34
C PHE A 82 1.74 -2.71 -2.74
N ASN A 83 1.19 -3.90 -2.82
CA ASN A 83 0.87 -4.47 -4.12
C ASN A 83 -0.37 -3.84 -4.74
N GLY A 84 -1.34 -3.49 -3.88
CA GLY A 84 -2.55 -2.82 -4.33
C GLY A 84 -2.29 -1.45 -4.94
N SER A 85 -1.30 -0.73 -4.41
CA SER A 85 -0.96 0.61 -4.89
C SER A 85 0.22 0.65 -5.88
N TRP A 86 0.81 -0.53 -6.16
CA TRP A 86 1.88 -0.61 -7.15
C TRP A 86 1.37 -0.21 -8.54
N LEU A 87 2.22 0.51 -9.28
CA LEU A 87 1.92 0.92 -10.64
C LEU A 87 2.65 -0.01 -11.60
N PRO A 88 1.98 -1.08 -12.06
CA PRO A 88 2.72 -2.04 -12.89
C PRO A 88 3.16 -1.43 -14.22
N GLY A 89 4.30 -1.88 -14.71
CA GLY A 89 4.82 -1.41 -16.00
C GLY A 89 5.58 -0.09 -15.98
N LEU A 90 5.35 0.74 -14.96
CA LEU A 90 6.04 2.02 -14.82
C LEU A 90 7.55 1.83 -14.99
N HIS A 91 8.06 0.76 -14.41
CA HIS A 91 9.49 0.41 -14.45
C HIS A 91 10.12 0.37 -15.85
N ARG A 92 9.37 -0.05 -16.86
CA ARG A 92 9.93 -0.13 -18.22
C ARG A 92 10.02 1.24 -18.93
N PHE A 93 9.16 2.17 -18.53
CA PHE A 93 9.15 3.50 -19.14
C PHE A 93 10.18 4.43 -18.50
N VAL A 94 10.50 4.18 -17.24
CA VAL A 94 11.44 5.04 -16.51
C VAL A 94 12.75 4.31 -16.15
N GLY A 95 13.12 3.35 -17.00
CA GLY A 95 14.35 2.57 -16.84
C GLY A 95 15.61 3.40 -16.90
N ASN A 96 15.60 4.43 -17.75
CA ASN A 96 16.72 5.36 -17.90
C ASN A 96 16.73 6.43 -16.79
N ASN A 97 15.57 6.65 -16.17
CA ASN A 97 15.42 7.66 -15.12
C ASN A 97 15.81 7.15 -13.75
N LYS A 98 16.29 8.05 -12.89
CA LYS A 98 16.52 7.68 -11.51
C LYS A 98 15.15 7.71 -10.85
N VAL A 99 14.88 6.71 -10.00
CA VAL A 99 13.60 6.62 -9.30
C VAL A 99 13.82 6.57 -7.80
N LEU A 100 13.03 7.35 -7.05
CA LEU A 100 12.97 7.22 -5.61
C LEU A 100 11.66 6.54 -5.28
N LEU A 101 11.72 5.47 -4.49
CA LEU A 101 10.50 4.78 -4.04
C LEU A 101 10.17 5.25 -2.64
N VAL A 102 8.95 5.78 -2.48
CA VAL A 102 8.52 6.39 -1.23
C VAL A 102 7.31 5.65 -0.67
N GLY A 103 7.47 5.12 0.54
CA GLY A 103 6.40 4.41 1.22
C GLY A 103 5.75 5.38 2.20
N ASN A 104 4.50 5.71 1.94
CA ASN A 104 3.77 6.66 2.79
C ASN A 104 2.96 5.98 3.88
N LYS A 105 2.57 6.76 4.88
CA LYS A 105 1.73 6.33 6.02
C LYS A 105 2.54 5.58 7.07
N ALA A 106 3.81 5.96 7.21
CA ALA A 106 4.70 5.38 8.23
C ALA A 106 4.21 5.54 9.67
N ASP A 107 3.41 6.57 9.92
CA ASP A 107 2.85 6.82 11.27
C ASP A 107 2.00 5.65 11.78
N LEU A 108 1.48 4.85 10.87
CA LEU A 108 0.60 3.73 11.23
C LEU A 108 1.34 2.44 11.60
N ILE A 109 2.62 2.37 11.25
CA ILE A 109 3.49 1.23 11.54
C ILE A 109 3.61 1.02 13.06
N PRO A 110 3.34 -0.22 13.54
CA PRO A 110 3.49 -0.54 14.97
C PRO A 110 4.92 -0.28 15.47
N LYS A 111 5.06 0.08 16.74
CA LYS A 111 6.36 0.39 17.34
C LYS A 111 7.36 -0.76 17.23
N SER A 112 6.84 -1.99 17.36
CA SER A 112 7.66 -3.20 17.26
C SER A 112 8.33 -3.41 15.89
N VAL A 113 7.71 -2.89 14.83
CA VAL A 113 8.23 -3.03 13.47
C VAL A 113 9.39 -2.07 13.22
N LYS A 114 10.50 -2.61 12.70
CA LYS A 114 11.70 -1.81 12.43
C LYS A 114 11.63 -1.19 11.05
N HIS A 115 11.92 0.10 10.95
CA HIS A 115 11.88 0.79 9.66
C HIS A 115 12.93 0.30 8.66
N ASP A 116 14.08 -0.13 9.16
CA ASP A 116 15.14 -0.69 8.32
C ASP A 116 14.66 -1.94 7.59
N LYS A 117 13.92 -2.78 8.31
CA LYS A 117 13.34 -4.00 7.74
C LYS A 117 12.21 -3.69 6.77
N VAL A 118 11.43 -2.64 7.06
CA VAL A 118 10.38 -2.19 6.14
C VAL A 118 11.01 -1.78 4.81
N LYS A 119 12.06 -0.95 4.87
CA LYS A 119 12.72 -0.48 3.65
C LYS A 119 13.32 -1.64 2.85
N HIS A 120 13.94 -2.58 3.55
CA HIS A 120 14.49 -3.79 2.92
C HIS A 120 13.40 -4.56 2.16
N TRP A 121 12.25 -4.72 2.80
CA TRP A 121 11.11 -5.40 2.19
C TRP A 121 10.58 -4.62 0.97
N MSE A 122 10.52 -3.29 1.09
CA MSE A 122 10.13 -2.45 -0.05
C MSE A 122 11.09 -2.62 -1.22
O MSE A 122 10.67 -2.74 -2.38
CB MSE A 122 10.06 -0.98 0.37
CG MSE A 122 9.08 -0.68 1.45
SE MSE A 122 9.11 1.23 1.84
CE MSE A 122 8.64 1.86 0.07
N ARG A 123 12.39 -2.61 -0.92
CA ARG A 123 13.42 -2.69 -1.93
C ARG A 123 13.34 -4.04 -2.64
N TYR A 124 13.20 -5.10 -1.84
CA TYR A 124 13.08 -6.47 -2.35
C TYR A 124 11.82 -6.63 -3.19
N SER A 125 10.70 -6.11 -2.70
CA SER A 125 9.43 -6.22 -3.41
C SER A 125 9.43 -5.45 -4.74
N ALA A 126 10.04 -4.27 -4.74
CA ALA A 126 10.19 -3.47 -5.96
C ALA A 126 11.04 -4.22 -6.99
N LYS A 127 12.13 -4.82 -6.51
CA LYS A 127 13.02 -5.62 -7.36
C LYS A 127 12.27 -6.78 -8.04
N GLN A 128 11.42 -7.47 -7.27
CA GLN A 128 10.62 -8.59 -7.81
C GLN A 128 9.72 -8.13 -8.96
N LEU A 129 9.30 -6.87 -8.91
CA LEU A 129 8.39 -6.30 -9.89
C LEU A 129 9.10 -5.47 -10.96
N GLY A 130 10.44 -5.51 -10.96
CA GLY A 130 11.23 -4.92 -12.04
C GLY A 130 11.72 -3.51 -11.83
N LEU A 131 11.49 -2.96 -10.63
CA LEU A 131 11.93 -1.61 -10.33
C LEU A 131 13.15 -1.65 -9.42
N LYS A 132 14.21 -0.97 -9.83
CA LYS A 132 15.39 -0.80 -9.01
C LYS A 132 15.59 0.68 -8.69
N PRO A 133 14.97 1.16 -7.58
CA PRO A 133 15.06 2.57 -7.25
C PRO A 133 16.45 2.93 -6.75
N GLU A 134 16.82 4.20 -6.87
CA GLU A 134 18.10 4.69 -6.37
C GLU A 134 18.14 4.56 -4.86
N ASP A 135 17.00 4.80 -4.23
CA ASP A 135 16.86 4.63 -2.80
C ASP A 135 15.37 4.52 -2.45
N VAL A 136 15.12 4.12 -1.20
CA VAL A 136 13.79 3.85 -0.70
C VAL A 136 13.63 4.69 0.57
N PHE A 137 12.45 5.29 0.72
CA PHE A 137 12.16 6.19 1.83
C PHE A 137 10.85 5.83 2.50
N LEU A 138 10.77 6.07 3.80
CA LEU A 138 9.54 5.91 4.55
C LEU A 138 9.15 7.29 5.06
N ILE A 139 7.90 7.68 4.81
CA ILE A 139 7.40 8.97 5.29
C ILE A 139 6.00 8.86 5.86
N SER A 140 5.62 9.90 6.62
CA SER A 140 4.23 10.13 6.95
C SER A 140 3.94 11.51 6.39
N ALA A 141 3.30 11.57 5.23
CA ALA A 141 2.91 12.86 4.67
C ALA A 141 1.97 13.60 5.63
N ALA A 142 1.15 12.85 6.36
CA ALA A 142 0.19 13.45 7.31
C ALA A 142 0.85 14.10 8.51
N LYS A 143 1.82 13.39 9.09
CA LYS A 143 2.45 13.83 10.35
C LYS A 143 3.82 14.51 10.19
N GLY A 144 4.49 14.25 9.08
CA GLY A 144 5.76 14.92 8.76
C GLY A 144 7.03 14.08 8.81
N GLN A 145 6.97 12.94 9.49
CA GLN A 145 8.13 12.04 9.64
C GLN A 145 8.77 11.74 8.28
N GLY A 146 10.08 11.96 8.17
CA GLY A 146 10.84 11.63 6.95
C GLY A 146 10.75 12.59 5.79
N ILE A 147 9.93 13.63 5.92
CA ILE A 147 9.71 14.57 4.84
C ILE A 147 10.94 15.41 4.50
N ALA A 148 11.60 15.93 5.54
CA ALA A 148 12.79 16.75 5.36
C ALA A 148 13.91 15.98 4.65
N GLU A 149 14.14 14.74 5.09
CA GLU A 149 15.14 13.85 4.51
C GLU A 149 14.85 13.55 3.04
N LEU A 150 13.59 13.25 2.73
CA LEU A 150 13.18 12.98 1.36
C LEU A 150 13.38 14.22 0.47
N ALA A 151 13.01 15.40 0.97
CA ALA A 151 13.20 16.63 0.22
C ALA A 151 14.69 16.80 -0.11
N ASP A 152 15.54 16.52 0.88
CA ASP A 152 16.99 16.57 0.71
C ASP A 152 17.41 15.61 -0.39
N ALA A 153 16.85 14.39 -0.37
CA ALA A 153 17.22 13.36 -1.35
C ALA A 153 16.77 13.74 -2.74
N ILE A 154 15.59 14.35 -2.85
CA ILE A 154 15.08 14.77 -4.15
C ILE A 154 16.03 15.81 -4.76
N GLU A 155 16.51 16.74 -3.93
CA GLU A 155 17.42 17.76 -4.41
C GLU A 155 18.75 17.17 -4.86
N TYR A 156 19.20 16.18 -4.09
CA TYR A 156 20.47 15.53 -4.41
C TYR A 156 20.35 14.69 -5.69
N TYR A 157 19.37 13.80 -5.73
CA TYR A 157 19.24 12.86 -6.85
C TYR A 157 18.79 13.47 -8.16
N ARG A 158 18.02 14.57 -8.11
CA ARG A 158 17.51 15.14 -9.36
C ARG A 158 18.59 15.73 -10.25
N GLY A 159 19.73 16.09 -9.67
CA GLY A 159 20.86 16.61 -10.43
C GLY A 159 20.52 17.83 -11.25
N GLY A 160 19.70 18.71 -10.69
CA GLY A 160 19.31 19.94 -11.38
C GLY A 160 18.16 19.80 -12.36
N LYS A 161 17.64 18.60 -12.53
CA LYS A 161 16.57 18.37 -13.49
C LYS A 161 15.19 18.42 -12.82
N ASP A 162 14.15 18.29 -13.65
CA ASP A 162 12.78 18.26 -13.16
C ASP A 162 12.52 16.97 -12.39
N VAL A 163 11.40 16.94 -11.66
CA VAL A 163 10.98 15.80 -10.89
C VAL A 163 9.51 15.55 -11.18
N TYR A 164 9.15 14.29 -11.41
CA TYR A 164 7.75 13.89 -11.58
C TYR A 164 7.31 13.01 -10.40
N VAL A 165 6.19 13.36 -9.79
CA VAL A 165 5.66 12.56 -8.67
C VAL A 165 4.47 11.75 -9.19
N VAL A 166 4.54 10.43 -8.99
CA VAL A 166 3.50 9.52 -9.47
C VAL A 166 2.94 8.64 -8.36
N GLY A 167 1.67 8.28 -8.48
CA GLY A 167 1.07 7.44 -7.46
C GLY A 167 -0.37 7.06 -7.74
N CYS A 168 -0.77 5.95 -7.14
N CYS A 168 -0.79 5.95 -7.16
CA CYS A 168 -2.13 5.42 -7.19
CA CYS A 168 -2.16 5.50 -7.24
C CYS A 168 -3.01 6.30 -6.30
C CYS A 168 -3.01 6.37 -6.34
N THR A 169 -4.30 6.39 -6.60
CA THR A 169 -5.22 7.16 -5.76
C THR A 169 -5.22 6.62 -4.32
N ASN A 170 -5.35 7.55 -3.36
CA ASN A 170 -5.40 7.24 -1.93
C ASN A 170 -4.08 6.79 -1.29
N VAL A 171 -2.96 6.94 -1.98
CA VAL A 171 -1.65 6.63 -1.37
C VAL A 171 -1.18 7.79 -0.51
N GLY A 172 -1.72 8.98 -0.78
CA GLY A 172 -1.35 10.19 -0.05
C GLY A 172 -0.57 11.17 -0.91
N LYS A 173 -0.74 11.11 -2.22
CA LYS A 173 -0.01 12.02 -3.09
C LYS A 173 -0.35 13.50 -2.88
N SER A 174 -1.64 13.84 -2.75
CA SER A 174 -2.02 15.24 -2.47
C SER A 174 -1.39 15.74 -1.17
N THR A 175 -1.45 14.91 -0.12
CA THR A 175 -0.89 15.27 1.18
C THR A 175 0.63 15.47 1.06
N PHE A 176 1.27 14.64 0.26
CA PHE A 176 2.72 14.72 0.02
C PHE A 176 3.08 15.94 -0.80
N ILE A 177 2.29 16.21 -1.85
CA ILE A 177 2.50 17.41 -2.66
C ILE A 177 2.39 18.65 -1.77
N ASN A 178 1.42 18.68 -0.87
CA ASN A 178 1.33 19.81 0.07
C ASN A 178 2.58 19.98 0.93
N ARG A 179 3.20 18.86 1.32
CA ARG A 179 4.41 18.88 2.14
C ARG A 179 5.56 19.42 1.31
N MSE A 180 5.60 19.04 0.03
CA MSE A 180 6.66 19.51 -0.87
C MSE A 180 6.54 21.00 -1.20
O MSE A 180 7.54 21.69 -1.26
CB MSE A 180 6.75 18.68 -2.16
CG MSE A 180 7.08 17.22 -1.98
SE MSE A 180 8.90 17.01 -1.26
CE MSE A 180 8.52 16.64 0.58
N ILE A 181 5.31 21.50 -1.38
CA ILE A 181 5.13 22.94 -1.57
C ILE A 181 5.76 23.71 -0.40
N LYS A 182 5.52 23.23 0.82
CA LYS A 182 6.08 23.86 2.00
C LYS A 182 7.60 23.75 2.03
N GLU A 183 8.11 22.55 1.78
CA GLU A 183 9.55 22.32 1.82
C GLU A 183 10.34 23.21 0.86
N PHE A 184 9.76 23.53 -0.29
CA PHE A 184 10.46 24.30 -1.32
C PHE A 184 10.00 25.75 -1.47
N SER A 185 9.07 26.17 -0.61
CA SER A 185 8.47 27.52 -0.69
C SER A 185 9.47 28.66 -0.49
N ASP A 186 10.40 28.50 0.44
CA ASP A 186 11.37 29.56 0.74
C ASP A 186 12.61 29.50 -0.15
N GLU A 187 12.60 28.61 -1.14
CA GLU A 187 13.81 28.34 -1.92
C GLU A 187 13.97 29.07 -3.24
N THR A 188 12.88 29.60 -3.79
CA THR A 188 12.93 30.23 -5.11
C THR A 188 11.98 31.43 -5.27
N GLU A 189 12.31 32.29 -6.24
CA GLU A 189 11.49 33.47 -6.54
C GLU A 189 10.34 33.15 -7.51
N ASN A 190 10.53 32.14 -8.36
CA ASN A 190 9.45 31.68 -9.23
C ASN A 190 8.31 31.15 -8.39
N VAL A 191 7.09 31.32 -8.89
CA VAL A 191 5.91 30.85 -8.17
C VAL A 191 5.30 29.61 -8.80
N ILE A 192 4.52 28.90 -8.01
CA ILE A 192 3.79 27.74 -8.46
C ILE A 192 2.91 28.08 -9.65
N THR A 193 2.79 27.16 -10.58
CA THR A 193 1.88 27.31 -11.71
C THR A 193 1.10 26.02 -11.90
N THR A 194 0.00 26.12 -12.62
CA THR A 194 -0.78 24.94 -12.96
C THR A 194 -0.60 24.73 -14.45
N SER A 195 -0.69 23.47 -14.86
CA SER A 195 -0.58 23.12 -16.27
C SER A 195 -1.52 21.95 -16.54
N HIS A 196 -1.99 21.86 -17.77
CA HIS A 196 -2.93 20.81 -18.15
C HIS A 196 -2.20 19.54 -18.55
N PHE A 197 -2.92 18.43 -18.41
CA PHE A 197 -2.51 17.14 -18.91
C PHE A 197 -3.00 17.16 -20.36
N PRO A 198 -2.13 16.78 -21.33
CA PRO A 198 -2.41 16.89 -22.76
C PRO A 198 -3.89 16.88 -23.12
N ASP A 203 -6.40 20.97 -13.56
CA ASP A 203 -5.16 21.71 -13.36
C ASP A 203 -4.25 21.00 -12.38
N LEU A 204 -3.03 20.68 -12.83
CA LEU A 204 -2.03 20.00 -12.01
C LEU A 204 -0.94 20.98 -11.65
N ILE A 205 -0.39 20.82 -10.45
CA ILE A 205 0.64 21.70 -9.91
C ILE A 205 2.10 21.50 -10.40
N ASP A 206 2.76 22.62 -10.69
CA ASP A 206 4.18 22.67 -11.04
C ASP A 206 4.80 23.48 -9.92
N ILE A 207 5.70 22.86 -9.16
CA ILE A 207 6.32 23.48 -8.00
C ILE A 207 7.77 23.79 -8.33
N PRO A 208 8.13 25.09 -8.37
CA PRO A 208 9.51 25.45 -8.69
C PRO A 208 10.49 24.95 -7.64
N LEU A 209 11.57 24.32 -8.13
CA LEU A 209 12.64 23.85 -7.27
C LEU A 209 13.78 24.86 -7.28
N ASP A 210 13.99 25.44 -8.47
CA ASP A 210 14.84 26.60 -8.66
C ASP A 210 14.21 27.39 -9.81
N GLU A 211 14.92 28.34 -10.39
CA GLU A 211 14.35 29.16 -11.46
C GLU A 211 14.31 28.45 -12.82
N GLU A 212 14.86 27.25 -12.88
CA GLU A 212 15.03 26.53 -14.14
C GLU A 212 14.42 25.13 -14.15
N SER A 213 13.93 24.68 -12.99
CA SER A 213 13.39 23.34 -12.88
C SER A 213 12.26 23.24 -11.88
N SER A 214 11.41 22.24 -12.07
CA SER A 214 10.23 22.08 -11.22
C SER A 214 9.94 20.65 -10.84
N LEU A 215 9.11 20.52 -9.82
CA LEU A 215 8.53 19.25 -9.41
C LEU A 215 7.10 19.27 -9.92
N TYR A 216 6.73 18.23 -10.66
CA TYR A 216 5.40 18.13 -11.26
C TYR A 216 4.54 17.08 -10.61
N ASP A 217 3.34 17.48 -10.20
CA ASP A 217 2.36 16.51 -9.77
C ASP A 217 1.78 15.91 -11.05
N THR A 218 1.35 14.66 -11.01
CA THR A 218 0.70 14.04 -12.15
C THR A 218 -0.64 13.48 -11.69
N PRO A 219 -1.57 13.24 -12.62
CA PRO A 219 -2.87 12.70 -12.22
C PRO A 219 -2.75 11.35 -11.49
N GLY A 220 -3.44 11.22 -10.37
CA GLY A 220 -3.48 9.96 -9.63
C GLY A 220 -4.07 8.84 -10.48
N ILE A 221 -3.48 7.66 -10.37
CA ILE A 221 -3.91 6.52 -11.17
C ILE A 221 -4.93 5.66 -10.44
N ILE A 222 -5.99 5.25 -11.14
CA ILE A 222 -6.97 4.34 -10.56
C ILE A 222 -6.52 2.90 -10.80
N ASN A 223 -6.29 2.17 -9.70
CA ASN A 223 -6.01 0.74 -9.77
C ASN A 223 -7.32 0.02 -9.51
N HIS A 224 -7.87 -0.56 -10.56
CA HIS A 224 -9.19 -1.19 -10.52
C HIS A 224 -9.22 -2.49 -9.70
N HIS A 225 -8.05 -2.96 -9.27
CA HIS A 225 -7.97 -4.24 -8.58
C HIS A 225 -7.63 -4.19 -7.08
N GLN A 226 -7.23 -3.03 -6.59
CA GLN A 226 -6.93 -2.88 -5.16
C GLN A 226 -8.20 -2.89 -4.32
N MSE A 227 -8.06 -3.25 -3.04
CA MSE A 227 -9.20 -3.37 -2.13
C MSE A 227 -10.08 -2.12 -2.08
O MSE A 227 -11.31 -2.22 -2.15
CB MSE A 227 -8.70 -3.76 -0.72
CG MSE A 227 -9.82 -4.07 0.27
SE MSE A 227 -10.81 -5.68 -0.19
CE MSE A 227 -9.48 -7.02 0.34
N ALA A 228 -9.43 -0.95 -1.95
CA ALA A 228 -10.12 0.34 -1.82
C ALA A 228 -11.02 0.70 -3.02
N HIS A 229 -10.78 0.06 -4.16
CA HIS A 229 -11.57 0.32 -5.36
C HIS A 229 -12.97 -0.30 -5.25
N TYR A 230 -13.14 -1.27 -4.36
CA TYR A 230 -14.41 -1.96 -4.18
C TYR A 230 -15.26 -1.46 -3.00
N VAL A 231 -14.73 -0.48 -2.25
CA VAL A 231 -15.45 0.07 -1.11
C VAL A 231 -15.72 1.58 -1.23
N GLY A 232 -16.79 2.03 -0.59
CA GLY A 232 -17.17 3.44 -0.59
C GLY A 232 -16.51 4.25 0.50
N LYS A 233 -16.90 5.52 0.61
CA LYS A 233 -16.32 6.46 1.57
C LYS A 233 -16.55 6.05 3.04
N GLN A 234 -17.79 5.74 3.38
CA GLN A 234 -18.13 5.29 4.73
C GLN A 234 -17.47 3.95 5.02
N SER A 235 -17.45 3.08 4.01
CA SER A 235 -16.87 1.75 4.13
C SER A 235 -15.34 1.80 4.30
N LEU A 236 -14.67 2.58 3.47
CA LEU A 236 -13.20 2.71 3.51
C LEU A 236 -12.68 3.22 4.86
N LYS A 237 -13.46 4.07 5.53
CA LYS A 237 -13.10 4.64 6.82
C LYS A 237 -12.88 3.59 7.91
N LEU A 238 -13.63 2.49 7.83
CA LEU A 238 -13.52 1.40 8.81
C LEU A 238 -12.27 0.54 8.59
N ILE A 239 -11.92 0.29 7.34
CA ILE A 239 -10.77 -0.54 6.97
C ILE A 239 -9.42 0.14 7.22
N THR A 240 -9.38 1.46 7.16
CA THR A 240 -8.13 2.20 7.34
C THR A 240 -7.88 2.60 8.80
N PRO A 241 -6.68 2.30 9.32
CA PRO A 241 -6.33 2.66 10.70
C PRO A 241 -6.19 4.16 10.84
N THR A 242 -6.71 4.71 11.93
CA THR A 242 -6.63 6.14 12.20
C THR A 242 -5.37 6.48 12.99
N LYS A 243 -4.86 5.48 13.70
CA LYS A 243 -3.66 5.64 14.51
C LYS A 243 -2.75 4.43 14.39
N GLU A 244 -1.60 4.48 15.07
CA GLU A 244 -0.64 3.37 15.10
C GLU A 244 -1.35 2.05 15.38
N ILE A 245 -1.10 1.07 14.52
CA ILE A 245 -1.73 -0.25 14.63
C ILE A 245 -1.20 -1.01 15.86
N LYS A 246 -2.12 -1.44 16.71
CA LYS A 246 -1.78 -2.19 17.90
C LYS A 246 -1.89 -3.70 17.61
N PRO A 247 -0.77 -4.42 17.72
CA PRO A 247 -0.71 -5.85 17.45
C PRO A 247 -1.54 -6.65 18.45
N MSE A 248 -2.58 -7.33 17.96
CA MSE A 248 -3.44 -8.16 18.80
C MSE A 248 -3.04 -9.62 18.70
O MSE A 248 -2.95 -10.18 17.59
CB MSE A 248 -4.92 -7.97 18.43
CG MSE A 248 -5.48 -6.57 18.71
SE MSE A 248 -5.30 -5.97 20.56
CE MSE A 248 -6.35 -7.34 21.47
N VAL A 249 -2.79 -10.25 19.85
CA VAL A 249 -2.32 -11.64 19.90
C VAL A 249 -3.46 -12.65 20.05
N PHE A 250 -3.59 -13.51 19.05
CA PHE A 250 -4.56 -14.60 19.04
C PHE A 250 -3.88 -15.92 19.37
N GLN A 251 -4.64 -16.84 19.96
CA GLN A 251 -4.21 -18.22 20.17
C GLN A 251 -5.28 -19.12 19.57
N LEU A 252 -4.97 -19.70 18.41
CA LEU A 252 -5.92 -20.55 17.70
C LEU A 252 -5.55 -22.02 17.64
N ASN A 253 -6.58 -22.85 17.54
CA ASN A 253 -6.42 -24.29 17.35
C ASN A 253 -6.54 -24.63 15.87
N GLU A 254 -6.18 -25.86 15.52
CA GLU A 254 -6.29 -26.36 14.15
C GLU A 254 -7.76 -26.30 13.71
N GLU A 255 -7.98 -25.96 12.44
CA GLU A 255 -9.33 -25.88 11.84
C GLU A 255 -10.14 -24.68 12.33
N GLN A 256 -9.48 -23.53 12.49
CA GLN A 256 -10.14 -22.30 12.94
C GLN A 256 -10.10 -21.23 11.84
N THR A 257 -11.09 -20.33 11.85
CA THR A 257 -11.22 -19.28 10.83
C THR A 257 -11.36 -17.88 11.42
N LEU A 258 -10.66 -16.93 10.80
CA LEU A 258 -10.75 -15.51 11.14
C LEU A 258 -11.24 -14.71 9.94
N PHE A 259 -12.35 -14.00 10.11
CA PHE A 259 -12.87 -13.11 9.08
C PHE A 259 -12.48 -11.68 9.42
N PHE A 260 -11.71 -11.05 8.54
CA PHE A 260 -11.34 -9.65 8.72
C PHE A 260 -12.43 -8.85 8.04
N SER A 261 -13.53 -8.66 8.79
CA SER A 261 -14.80 -8.17 8.27
C SER A 261 -15.27 -9.12 7.15
N GLY A 262 -16.10 -8.66 6.24
CA GLY A 262 -16.55 -9.51 5.13
C GLY A 262 -15.70 -9.38 3.88
N LEU A 263 -14.50 -8.81 4.02
CA LEU A 263 -13.62 -8.56 2.88
C LEU A 263 -12.55 -9.62 2.67
N ALA A 264 -12.15 -10.31 3.73
CA ALA A 264 -11.11 -11.34 3.64
C ALA A 264 -11.27 -12.42 4.71
N ARG A 265 -10.73 -13.61 4.40
CA ARG A 265 -10.81 -14.76 5.31
C ARG A 265 -9.43 -15.39 5.52
N PHE A 266 -9.18 -15.85 6.74
CA PHE A 266 -7.92 -16.48 7.13
C PHE A 266 -8.24 -17.85 7.74
N ASP A 267 -7.90 -18.91 7.00
CA ASP A 267 -8.14 -20.28 7.48
C ASP A 267 -6.87 -20.97 7.95
N TYR A 268 -6.80 -21.22 9.25
CA TYR A 268 -5.70 -21.99 9.83
C TYR A 268 -6.15 -23.44 9.83
N VAL A 269 -5.77 -24.16 8.76
CA VAL A 269 -6.27 -25.52 8.53
C VAL A 269 -5.47 -26.66 9.20
N SER A 270 -4.14 -26.51 9.30
CA SER A 270 -3.31 -27.57 9.90
C SER A 270 -2.09 -27.06 10.66
N GLY A 271 -1.74 -27.76 11.75
CA GLY A 271 -0.55 -27.43 12.54
C GLY A 271 -0.72 -27.38 14.05
N GLY A 272 -1.80 -27.97 14.56
CA GLY A 272 -2.07 -28.00 16.00
C GLY A 272 -2.51 -26.66 16.57
N ARG A 273 -1.94 -26.30 17.73
CA ARG A 273 -2.25 -25.04 18.39
C ARG A 273 -1.11 -24.02 18.23
N ARG A 274 -1.45 -22.83 17.72
CA ARG A 274 -0.48 -21.76 17.49
C ARG A 274 -0.96 -20.39 17.92
N ALA A 275 -0.02 -19.45 17.95
CA ALA A 275 -0.31 -18.04 18.21
C ALA A 275 -0.19 -17.25 16.92
N PHE A 276 -1.11 -16.30 16.71
CA PHE A 276 -1.11 -15.44 15.53
C PHE A 276 -1.32 -13.98 15.92
N THR A 277 -0.38 -13.14 15.52
CA THR A 277 -0.45 -11.71 15.81
C THR A 277 -1.09 -10.99 14.62
N CYS A 278 -2.23 -10.37 14.86
CA CYS A 278 -2.95 -9.66 13.80
C CYS A 278 -2.73 -8.15 13.87
N HIS A 279 -2.53 -7.54 12.70
CA HIS A 279 -2.31 -6.11 12.60
C HIS A 279 -3.29 -5.53 11.58
N PHE A 280 -4.35 -4.94 12.09
CA PHE A 280 -5.41 -4.36 11.26
C PHE A 280 -5.92 -3.08 11.89
N SER A 281 -6.78 -2.35 11.18
CA SER A 281 -7.41 -1.15 11.71
C SER A 281 -8.23 -1.48 12.96
N ASN A 282 -8.20 -0.59 13.95
CA ASN A 282 -8.97 -0.79 15.18
C ASN A 282 -10.48 -0.70 14.95
N ARG A 283 -10.86 -0.14 13.81
CA ARG A 283 -12.27 -0.01 13.42
C ARG A 283 -12.75 -1.23 12.63
N LEU A 284 -11.81 -2.09 12.23
CA LEU A 284 -12.15 -3.32 11.53
C LEU A 284 -12.57 -4.39 12.54
N THR A 285 -13.66 -5.08 12.25
CA THR A 285 -14.15 -6.13 13.14
C THR A 285 -13.67 -7.50 12.66
N ILE A 286 -13.04 -8.24 13.57
CA ILE A 286 -12.52 -9.57 13.28
C ILE A 286 -13.44 -10.63 13.88
N HIS A 287 -13.99 -11.48 13.02
CA HIS A 287 -14.93 -12.52 13.43
C HIS A 287 -14.21 -13.85 13.45
N ARG A 288 -14.33 -14.56 14.58
CA ARG A 288 -13.64 -15.84 14.77
C ARG A 288 -14.63 -17.00 14.86
N THR A 289 -14.46 -17.98 13.97
CA THR A 289 -15.34 -19.15 13.90
C THR A 289 -14.56 -20.44 13.63
N LYS A 290 -15.24 -21.58 13.74
CA LYS A 290 -14.67 -22.87 13.38
C LYS A 290 -14.69 -22.97 11.85
N LEU A 291 -13.70 -23.64 11.28
CA LEU A 291 -13.57 -23.77 9.82
C LEU A 291 -14.85 -24.25 9.14
N GLU A 292 -15.52 -25.23 9.74
CA GLU A 292 -16.72 -25.83 9.15
C GLU A 292 -17.95 -24.92 9.27
N LYS A 293 -17.84 -23.87 10.07
CA LYS A 293 -18.91 -22.89 10.24
C LYS A 293 -18.68 -21.63 9.40
N ALA A 294 -17.45 -21.46 8.94
CA ALA A 294 -17.04 -20.28 8.16
C ALA A 294 -17.84 -20.09 6.87
N ASP A 295 -17.98 -21.16 6.08
CA ASP A 295 -18.70 -21.13 4.81
C ASP A 295 -20.17 -20.73 5.00
N GLU A 296 -20.78 -21.23 6.07
CA GLU A 296 -22.18 -20.97 6.38
C GLU A 296 -22.42 -19.52 6.82
N LEU A 297 -21.49 -18.97 7.61
CA LEU A 297 -21.57 -17.61 8.12
C LEU A 297 -21.51 -16.56 7.01
N TYR A 298 -20.63 -16.80 6.04
CA TYR A 298 -20.41 -15.88 4.92
C TYR A 298 -21.58 -15.85 3.93
N LYS A 299 -22.25 -16.98 3.76
CA LYS A 299 -23.38 -17.08 2.82
C LYS A 299 -24.66 -16.42 3.32
N ASN A 300 -24.73 -16.13 4.62
CA ASN A 300 -25.94 -15.56 5.22
C ASN A 300 -25.78 -14.21 5.91
N HIS A 301 -24.58 -13.91 6.38
CA HIS A 301 -24.36 -12.69 7.16
C HIS A 301 -23.38 -11.67 6.57
N ALA A 302 -22.88 -11.93 5.37
CA ALA A 302 -22.01 -10.98 4.67
C ALA A 302 -22.86 -9.82 4.17
N GLY A 303 -22.44 -8.61 4.51
CA GLY A 303 -23.20 -7.41 4.16
C GLY A 303 -23.98 -6.87 5.35
N ASP A 304 -24.09 -7.69 6.39
CA ASP A 304 -24.79 -7.33 7.62
C ASP A 304 -23.83 -7.40 8.80
N LEU A 305 -23.59 -8.61 9.30
CA LEU A 305 -22.65 -8.83 10.39
C LEU A 305 -21.22 -8.69 9.86
N LEU A 306 -20.93 -9.43 8.80
CA LEU A 306 -19.63 -9.35 8.13
C LEU A 306 -19.63 -8.19 7.13
N SER A 307 -19.63 -6.98 7.70
CA SER A 307 -19.67 -5.74 6.93
C SER A 307 -18.67 -4.75 7.53
N PRO A 308 -17.89 -4.05 6.69
CA PRO A 308 -17.82 -4.02 5.22
C PRO A 308 -17.58 -5.40 4.58
N PRO A 309 -18.09 -5.62 3.36
CA PRO A 309 -18.81 -4.67 2.50
C PRO A 309 -20.31 -4.56 2.78
N THR A 310 -20.92 -3.50 2.28
CA THR A 310 -22.36 -3.30 2.38
C THR A 310 -23.06 -4.18 1.33
N PRO A 311 -24.40 -4.36 1.46
CA PRO A 311 -25.13 -5.17 0.48
C PRO A 311 -24.96 -4.67 -0.97
N GLU A 312 -24.90 -3.36 -1.15
CA GLU A 312 -24.70 -2.76 -2.48
C GLU A 312 -23.28 -3.02 -3.00
N GLU A 313 -22.30 -2.95 -2.10
CA GLU A 313 -20.90 -3.20 -2.44
C GLU A 313 -20.62 -4.69 -2.68
N LEU A 314 -21.44 -5.55 -2.09
CA LEU A 314 -21.29 -7.00 -2.23
C LEU A 314 -21.66 -7.45 -3.64
N GLU A 315 -22.65 -6.78 -4.23
CA GLU A 315 -23.12 -7.09 -5.58
C GLU A 315 -22.15 -6.62 -6.67
N ASN A 316 -21.50 -5.48 -6.42
CA ASN A 316 -20.55 -4.89 -7.36
C ASN A 316 -19.10 -5.19 -7.01
N MSE A 317 -18.85 -6.41 -6.54
CA MSE A 317 -17.51 -6.81 -6.08
C MSE A 317 -17.17 -8.22 -6.59
O MSE A 317 -18.03 -9.10 -6.57
CB MSE A 317 -17.46 -6.78 -4.56
CG MSE A 317 -16.07 -6.79 -3.96
SE MSE A 317 -16.10 -6.65 -2.02
CE MSE A 317 -14.20 -6.42 -1.71
N PRO A 318 -15.92 -8.42 -7.05
CA PRO A 318 -15.47 -9.73 -7.53
C PRO A 318 -15.56 -10.79 -6.43
N GLU A 319 -15.83 -12.03 -6.83
CA GLU A 319 -15.99 -13.14 -5.90
C GLU A 319 -14.69 -13.46 -5.16
N LEU A 320 -14.86 -13.85 -3.90
CA LEU A 320 -13.76 -14.24 -3.02
C LEU A 320 -13.06 -15.51 -3.53
N VAL A 321 -11.75 -15.41 -3.75
CA VAL A 321 -10.93 -16.52 -4.26
C VAL A 321 -9.93 -16.98 -3.20
N LYS A 322 -9.64 -18.29 -3.17
CA LYS A 322 -8.75 -18.87 -2.16
C LYS A 322 -7.30 -19.04 -2.60
N TYR A 323 -6.40 -18.97 -1.63
CA TYR A 323 -4.95 -19.17 -1.83
C TYR A 323 -4.37 -19.97 -0.67
N GLU A 324 -3.51 -20.93 -0.97
CA GLU A 324 -2.92 -21.78 0.07
C GLU A 324 -1.45 -21.47 0.34
N PHE A 325 -1.08 -21.52 1.62
CA PHE A 325 0.29 -21.22 2.06
C PHE A 325 0.77 -22.22 3.10
N ASN A 326 2.05 -22.60 3.01
CA ASN A 326 2.67 -23.48 4.00
C ASN A 326 3.99 -22.90 4.52
N ILE A 327 3.91 -22.25 5.68
CA ILE A 327 5.05 -21.59 6.29
C ILE A 327 6.04 -22.60 6.88
N ARG A 328 7.30 -22.47 6.48
CA ARG A 328 8.36 -23.37 6.92
C ARG A 328 9.47 -22.68 7.72
N GLU A 329 9.31 -21.38 7.98
CA GLU A 329 10.29 -20.61 8.75
C GLU A 329 9.64 -19.69 9.78
N PRO A 330 10.29 -19.49 10.95
CA PRO A 330 9.78 -18.63 12.01
C PRO A 330 9.71 -17.15 11.61
N LYS A 331 8.81 -16.41 12.26
CA LYS A 331 8.58 -14.98 11.98
C LYS A 331 8.23 -14.74 10.51
N THR A 332 6.98 -15.04 10.17
CA THR A 332 6.49 -14.90 8.79
C THR A 332 5.11 -14.23 8.79
N ASP A 333 4.95 -13.22 7.94
CA ASP A 333 3.70 -12.47 7.83
C ASP A 333 2.84 -12.91 6.65
N VAL A 334 1.54 -13.01 6.88
CA VAL A 334 0.57 -13.23 5.81
C VAL A 334 -0.03 -11.85 5.53
N VAL A 335 0.39 -11.22 4.44
CA VAL A 335 0.02 -9.83 4.16
C VAL A 335 -1.17 -9.63 3.24
N PHE A 336 -2.28 -9.17 3.84
CA PHE A 336 -3.47 -8.82 3.06
C PHE A 336 -3.37 -7.35 2.65
N SER A 337 -2.97 -7.13 1.39
CA SER A 337 -2.79 -5.79 0.89
C SER A 337 -4.10 -4.99 1.06
N GLY A 338 -3.91 -3.74 1.58
CA GLY A 338 -5.05 -2.85 1.77
C GLY A 338 -5.87 -3.12 3.01
N LEU A 339 -5.52 -4.17 3.74
CA LEU A 339 -6.21 -4.54 4.97
C LEU A 339 -5.31 -4.60 6.20
N GLY A 340 -4.27 -5.44 6.14
CA GLY A 340 -3.37 -5.62 7.27
C GLY A 340 -2.60 -6.92 7.12
N TRP A 341 -2.02 -7.41 8.22
CA TRP A 341 -1.25 -8.64 8.15
C TRP A 341 -1.29 -9.50 9.40
N VAL A 342 -1.15 -10.81 9.19
CA VAL A 342 -1.16 -11.80 10.25
C VAL A 342 0.23 -12.39 10.38
N THR A 343 0.84 -12.24 11.55
CA THR A 343 2.17 -12.77 11.80
C THR A 343 2.10 -14.19 12.38
N VAL A 344 2.93 -15.08 11.86
CA VAL A 344 3.01 -16.46 12.31
C VAL A 344 4.43 -16.68 12.85
N ASN A 345 4.55 -16.76 14.17
CA ASN A 345 5.83 -16.87 14.86
C ASN A 345 6.59 -18.17 14.64
N GLU A 346 5.85 -19.27 14.49
CA GLU A 346 6.44 -20.61 14.33
C GLU A 346 6.16 -21.22 12.94
N PRO A 347 7.08 -22.06 12.45
CA PRO A 347 6.90 -22.72 11.16
C PRO A 347 5.98 -23.95 11.25
N GLY A 348 5.52 -24.45 10.11
CA GLY A 348 4.68 -25.64 10.05
C GLY A 348 3.19 -25.38 9.88
N ALA A 349 2.81 -24.11 9.92
CA ALA A 349 1.40 -23.72 9.78
C ALA A 349 0.91 -23.82 8.34
N LYS A 350 -0.26 -24.44 8.17
CA LYS A 350 -0.89 -24.55 6.86
C LYS A 350 -2.09 -23.60 6.84
N ILE A 351 -2.03 -22.60 5.96
CA ILE A 351 -3.03 -21.54 5.90
C ILE A 351 -3.69 -21.40 4.53
N VAL A 352 -4.99 -21.15 4.53
CA VAL A 352 -5.74 -20.86 3.31
C VAL A 352 -6.35 -19.46 3.39
N ALA A 353 -5.77 -18.52 2.65
CA ALA A 353 -6.25 -17.14 2.66
C ALA A 353 -7.27 -16.89 1.57
N HIS A 354 -8.32 -16.15 1.90
CA HIS A 354 -9.37 -15.81 0.94
C HIS A 354 -9.41 -14.31 0.72
N VAL A 355 -9.46 -13.93 -0.56
CA VAL A 355 -9.42 -12.53 -0.93
C VAL A 355 -10.21 -12.36 -2.24
N PRO A 356 -10.85 -11.19 -2.46
CA PRO A 356 -11.57 -10.99 -3.72
C PRO A 356 -10.65 -11.09 -4.93
N LYS A 357 -11.21 -11.57 -6.04
CA LYS A 357 -10.47 -11.72 -7.28
C LYS A 357 -9.83 -10.39 -7.64
N GLY A 358 -8.49 -10.40 -7.73
CA GLY A 358 -7.74 -9.20 -8.09
C GLY A 358 -6.88 -8.66 -6.96
N VAL A 359 -7.40 -8.73 -5.74
CA VAL A 359 -6.70 -8.23 -4.56
C VAL A 359 -5.54 -9.15 -4.18
N SER A 360 -4.42 -8.56 -3.75
CA SER A 360 -3.21 -9.29 -3.41
C SER A 360 -3.08 -9.70 -1.93
N VAL A 361 -2.69 -10.98 -1.75
CA VAL A 361 -2.35 -11.55 -0.44
C VAL A 361 -1.02 -12.31 -0.64
N SER A 362 -0.02 -11.98 0.20
CA SER A 362 1.29 -12.65 0.06
C SER A 362 2.03 -12.91 1.38
N LEU A 363 3.18 -13.56 1.28
CA LEU A 363 4.03 -13.86 2.43
C LEU A 363 5.32 -13.04 2.40
N ARG A 364 5.81 -12.68 3.58
CA ARG A 364 7.07 -11.96 3.74
C ARG A 364 7.65 -12.33 5.11
N LYS A 365 8.95 -12.10 5.27
CA LYS A 365 9.60 -12.31 6.56
C LYS A 365 9.21 -11.15 7.46
N SER A 366 9.00 -11.42 8.75
CA SER A 366 8.58 -10.38 9.69
C SER A 366 9.54 -9.19 9.73
N LEU A 367 8.98 -8.01 10.00
CA LEU A 367 9.74 -6.78 10.00
C LEU A 367 10.04 -6.30 11.41
N ILE A 368 9.92 -7.21 12.37
CA ILE A 368 10.18 -6.92 13.79
C ILE A 368 11.60 -7.32 14.14
O1B DGI B . -4.02 12.23 -3.34
PB DGI B . -4.23 10.82 -2.88
O2B DGI B . -5.54 10.27 -3.39
O3B DGI B . -3.12 9.90 -3.35
O3A DGI B . -4.21 10.72 -1.26
PA DGI B . -4.56 11.91 -0.25
O1A DGI B . -5.82 12.65 -0.66
O2A DGI B . -3.43 12.88 -0.04
O5' DGI B . -4.75 11.05 1.09
C5' DGI B . -5.67 9.96 1.06
C4' DGI B . -6.10 9.64 2.49
O4' DGI B . -4.97 9.12 3.20
C3' DGI B . -6.56 10.88 3.22
O3' DGI B . -7.71 10.53 4.03
C2' DGI B . -5.41 11.28 4.13
C1' DGI B . -4.67 9.97 4.32
N9 DGI B . -3.20 10.14 4.44
C8 DGI B . -2.36 10.79 3.61
N7 DGI B . -1.10 10.72 4.06
C5 DGI B . -1.11 10.00 5.20
C4 DGI B . -2.50 9.61 5.44
N3 DGI B . -2.81 8.87 6.53
C2 DGI B . -1.85 8.48 7.40
N2 DGI B . -2.22 7.75 8.48
N1 DGI B . -0.56 8.81 7.24
C6 DGI B . -0.12 9.54 6.19
O6 DGI B . 1.10 9.82 6.07
#